data_4LP0
#
_entry.id   4LP0
#
_cell.length_a   72.875
_cell.length_b   94.333
_cell.length_c   62.270
_cell.angle_alpha   90.000
_cell.angle_beta   90.000
_cell.angle_gamma   90.000
#
_symmetry.space_group_name_H-M   'C 2 2 21'
#
loop_
_entity.id
_entity.type
_entity.pdbx_description
1 polymer 'Topoisomerase IV subunit B'
2 non-polymer "6'-[(ethylcarbamoyl)amino]-4'-[4-(trifluoromethyl)-1,3-thiazol-2-yl]-3,3'-bipyridine-5-carboxylic acid"
3 water water
#
_entity_poly.entity_id   1
_entity_poly.type   'polypeptide(L)'
_entity_poly.pdbx_seq_one_letter_code
;MSKKEININNYNDDAIQVLEGLDAVRKRPGMYIGSTDGAGLHHLVWEIVDNAVDEALSGFGDRIDVTINKDGSLTVQDHG
RGMPTGMHAMGIPTVEVIFTILHAGGKFGQGGYKTSGGLHGVGSSVVNALSSWLEVEITRDGAVYKQRFENGGKPVTTLK
KIGTALKSKTGTKVTFMPDATIFSTTDFKYNTISERLNESAFLLKNVTLSLTDKRTDEAIEFHYEN
;
_entity_poly.pdbx_strand_id   A
#
loop_
_chem_comp.id
_chem_comp.type
_chem_comp.name
_chem_comp.formula
1YM non-polymer '6'-[(ethylcarbamoyl)amino]-4'-[4-(trifluoromethyl)-1,3-thiazol-2-yl]-3,3'-bipyridine-5-carboxylic acid' 'C18 H14 F3 N5 O3 S'
#
# COMPACT_ATOMS: atom_id res chain seq x y z
N GLN A 17 24.10 -1.04 9.57
CA GLN A 17 22.90 -1.56 8.87
C GLN A 17 23.20 -1.99 7.43
N VAL A 18 22.93 -3.25 7.15
CA VAL A 18 23.19 -3.82 5.85
C VAL A 18 21.86 -3.78 5.06
N LEU A 19 21.83 -2.99 3.99
CA LEU A 19 20.69 -2.95 3.06
C LEU A 19 20.68 -4.22 2.21
N GLU A 20 19.49 -4.62 1.80
CA GLU A 20 19.28 -5.78 0.93
C GLU A 20 18.27 -5.47 -0.20
N GLY A 21 18.32 -6.29 -1.23
CA GLY A 21 17.33 -6.27 -2.29
C GLY A 21 16.14 -7.16 -1.89
N LEU A 22 15.12 -7.11 -2.72
CA LEU A 22 13.84 -7.75 -2.47
C LEU A 22 13.90 -9.29 -2.51
N ASP A 23 14.92 -9.84 -3.12
CA ASP A 23 15.09 -11.32 -3.13
C ASP A 23 15.27 -11.84 -1.67
N ALA A 24 15.80 -11.02 -0.77
CA ALA A 24 15.97 -11.45 0.64
C ALA A 24 14.59 -11.72 1.30
N VAL A 25 13.59 -10.88 0.97
CA VAL A 25 12.24 -11.10 1.46
C VAL A 25 11.62 -12.35 0.80
N ARG A 26 11.81 -12.47 -0.53
CA ARG A 26 11.15 -13.56 -1.26
C ARG A 26 11.69 -14.89 -0.80
N LYS A 27 12.96 -14.91 -0.37
CA LYS A 27 13.56 -16.15 0.11
C LYS A 27 13.22 -16.50 1.59
N ARG A 28 12.82 -15.52 2.38
CA ARG A 28 12.45 -15.77 3.74
C ARG A 28 11.16 -15.00 4.09
N PRO A 29 10.05 -15.28 3.37
CA PRO A 29 8.84 -14.45 3.61
C PRO A 29 8.42 -14.38 5.11
N GLY A 30 8.46 -15.52 5.80
CA GLY A 30 8.01 -15.62 7.17
C GLY A 30 8.72 -14.71 8.17
N MET A 31 9.98 -14.37 7.90
CA MET A 31 10.73 -13.42 8.69
C MET A 31 10.13 -12.00 8.67
N TYR A 32 9.41 -11.69 7.60
CA TYR A 32 8.83 -10.34 7.39
C TYR A 32 7.35 -10.23 7.62
N ILE A 33 6.59 -11.29 7.30
CA ILE A 33 5.12 -11.33 7.41
C ILE A 33 4.59 -12.51 8.22
N GLY A 34 5.49 -13.25 8.86
CA GLY A 34 5.13 -14.30 9.78
C GLY A 34 4.84 -15.65 9.15
N SER A 35 4.03 -15.65 8.11
CA SER A 35 3.63 -16.90 7.48
C SER A 35 3.26 -16.63 6.01
N THR A 36 2.95 -17.69 5.26
CA THR A 36 2.62 -17.58 3.85
C THR A 36 1.19 -18.12 3.56
N ASP A 37 0.40 -18.22 4.62
CA ASP A 37 -1.01 -18.61 4.56
C ASP A 37 -1.81 -17.31 4.59
N GLY A 38 -3.08 -17.41 4.96
CA GLY A 38 -3.98 -16.26 5.02
C GLY A 38 -3.52 -15.18 5.98
N ALA A 39 -2.92 -15.57 7.11
CA ALA A 39 -2.41 -14.64 8.10
C ALA A 39 -1.36 -13.73 7.42
N GLY A 40 -0.45 -14.35 6.65
CA GLY A 40 0.60 -13.63 5.99
C GLY A 40 0.13 -12.75 4.83
N LEU A 41 -0.77 -13.29 4.06
CA LEU A 41 -1.47 -12.53 3.00
C LEU A 41 -2.04 -11.21 3.52
N HIS A 42 -2.75 -11.30 4.65
CA HIS A 42 -3.41 -10.14 5.20
C HIS A 42 -2.43 -9.17 5.85
N HIS A 43 -1.28 -9.67 6.31
N HIS A 43 -1.27 -9.66 6.30
CA HIS A 43 -0.23 -8.79 6.81
CA HIS A 43 -0.22 -8.79 6.80
C HIS A 43 0.22 -7.78 5.74
C HIS A 43 0.21 -7.78 5.73
N LEU A 44 0.18 -8.17 4.46
CA LEU A 44 0.43 -7.25 3.37
C LEU A 44 -0.48 -6.03 3.37
N VAL A 45 -1.77 -6.29 3.55
CA VAL A 45 -2.79 -5.23 3.75
C VAL A 45 -2.39 -4.38 4.92
N TRP A 46 -2.09 -5.01 6.04
CA TRP A 46 -1.85 -4.23 7.24
C TRP A 46 -0.66 -3.31 7.07
N GLU A 47 0.40 -3.76 6.37
CA GLU A 47 1.58 -2.90 6.18
C GLU A 47 1.25 -1.64 5.38
N ILE A 48 0.50 -1.80 4.34
CA ILE A 48 0.15 -0.63 3.49
C ILE A 48 -0.85 0.28 4.22
N VAL A 49 -1.84 -0.32 4.86
CA VAL A 49 -2.79 0.46 5.65
C VAL A 49 -2.07 1.24 6.73
N ASP A 50 -1.12 0.60 7.42
CA ASP A 50 -0.37 1.27 8.46
C ASP A 50 0.41 2.49 8.00
N ASN A 51 0.94 2.45 6.79
CA ASN A 51 1.60 3.64 6.21
C ASN A 51 0.59 4.78 6.00
N ALA A 52 -0.65 4.46 5.56
CA ALA A 52 -1.67 5.50 5.40
C ALA A 52 -2.12 6.07 6.81
N VAL A 53 -2.24 5.16 7.75
CA VAL A 53 -2.63 5.45 9.13
C VAL A 53 -1.56 6.36 9.79
N ASP A 54 -0.28 6.05 9.60
CA ASP A 54 0.83 6.88 10.07
C ASP A 54 0.77 8.30 9.52
N GLU A 55 0.44 8.43 8.25
CA GLU A 55 0.32 9.75 7.66
C GLU A 55 -0.89 10.52 8.27
N ALA A 56 -2.02 9.86 8.42
CA ALA A 56 -3.21 10.44 9.10
C ALA A 56 -2.94 10.79 10.55
N LEU A 57 -2.23 9.90 11.25
CA LEU A 57 -1.85 10.20 12.63
C LEU A 57 -1.05 11.54 12.71
N SER A 58 -0.11 11.78 11.80
CA SER A 58 0.62 13.08 11.71
C SER A 58 -0.23 14.28 11.21
N GLY A 59 -1.51 14.05 10.96
CA GLY A 59 -2.47 15.10 10.61
C GLY A 59 -2.74 15.30 9.14
N PHE A 60 -2.20 14.43 8.29
CA PHE A 60 -2.37 14.55 6.83
C PHE A 60 -3.36 13.52 6.32
N GLY A 61 -4.58 13.97 6.04
CA GLY A 61 -5.64 13.19 5.47
C GLY A 61 -6.66 12.73 6.53
N ASP A 62 -7.93 12.69 6.17
CA ASP A 62 -8.94 12.32 7.14
C ASP A 62 -9.76 11.12 6.62
N ARG A 63 -9.36 10.54 5.49
CA ARG A 63 -9.93 9.27 5.00
C ARG A 63 -8.95 8.32 4.36
N ILE A 64 -9.15 7.04 4.64
CA ILE A 64 -8.33 5.97 4.11
C ILE A 64 -9.30 4.94 3.49
N ASP A 65 -9.19 4.72 2.20
CA ASP A 65 -10.13 3.85 1.44
C ASP A 65 -9.43 2.60 0.98
N VAL A 66 -9.99 1.45 1.31
CA VAL A 66 -9.43 0.16 0.94
C VAL A 66 -10.41 -0.51 0.00
N THR A 67 -9.94 -1.05 -1.14
CA THR A 67 -10.77 -1.73 -2.08
C THR A 67 -10.22 -3.10 -2.47
N ILE A 68 -11.06 -4.13 -2.36
CA ILE A 68 -10.72 -5.46 -2.85
C ILE A 68 -11.24 -5.47 -4.26
N ASN A 69 -10.29 -5.51 -5.20
CA ASN A 69 -10.59 -5.44 -6.62
C ASN A 69 -11.05 -6.83 -7.18
N LYS A 70 -11.88 -6.79 -8.22
CA LYS A 70 -12.34 -8.05 -8.91
C LYS A 70 -11.18 -9.00 -9.36
N ASP A 71 -10.08 -8.42 -9.83
CA ASP A 71 -8.96 -9.22 -10.30
C ASP A 71 -8.15 -9.89 -9.16
N GLY A 72 -8.54 -9.66 -7.92
CA GLY A 72 -7.78 -10.19 -6.77
C GLY A 72 -6.77 -9.22 -6.14
N SER A 73 -6.55 -8.10 -6.80
CA SER A 73 -5.59 -7.11 -6.28
C SER A 73 -6.28 -6.29 -5.16
N LEU A 74 -5.52 -5.47 -4.45
CA LEU A 74 -6.04 -4.70 -3.31
C LEU A 74 -5.47 -3.27 -3.39
N THR A 75 -6.31 -2.26 -3.20
CA THR A 75 -5.90 -0.85 -3.25
C THR A 75 -6.09 -0.22 -1.88
N VAL A 76 -5.14 0.62 -1.51
CA VAL A 76 -5.27 1.47 -0.35
C VAL A 76 -4.97 2.88 -0.85
N GLN A 77 -5.84 3.81 -0.56
CA GLN A 77 -5.70 5.19 -0.97
C GLN A 77 -5.83 6.08 0.22
N ASP A 78 -4.86 7.00 0.37
CA ASP A 78 -4.96 8.03 1.35
C ASP A 78 -5.00 9.44 0.70
N HIS A 79 -5.31 10.44 1.52
CA HIS A 79 -5.37 11.87 1.13
C HIS A 79 -4.38 12.70 1.92
N GLY A 80 -3.24 12.08 2.23
CA GLY A 80 -2.14 12.73 2.90
C GLY A 80 -1.28 13.56 1.96
N ARG A 81 -0.03 13.80 2.32
CA ARG A 81 0.85 14.70 1.56
C ARG A 81 1.28 14.15 0.16
N GLY A 82 1.15 12.85 -0.03
CA GLY A 82 1.77 12.17 -1.15
C GLY A 82 3.20 11.83 -0.78
N MET A 83 3.62 10.61 -1.09
CA MET A 83 5.05 10.30 -0.97
C MET A 83 5.90 11.32 -1.76
N PRO A 84 7.17 11.55 -1.34
CA PRO A 84 7.97 12.54 -2.09
C PRO A 84 8.21 12.08 -3.52
N THR A 85 8.19 13.04 -4.43
CA THR A 85 8.20 12.75 -5.87
C THR A 85 9.59 13.08 -6.49
N GLY A 86 10.54 13.52 -5.69
CA GLY A 86 11.88 13.87 -6.19
C GLY A 86 12.79 12.67 -6.41
N MET A 87 14.06 12.97 -6.63
CA MET A 87 15.05 11.93 -6.94
C MET A 87 15.97 11.71 -5.75
N HIS A 88 16.45 10.47 -5.65
N HIS A 88 16.45 10.48 -5.61
CA HIS A 88 17.57 10.07 -4.79
CA HIS A 88 17.63 10.22 -4.78
C HIS A 88 18.89 10.26 -5.55
C HIS A 88 18.83 10.10 -5.74
N ALA A 89 19.84 9.33 -5.41
CA ALA A 89 21.07 9.28 -6.22
C ALA A 89 20.79 8.79 -7.62
N MET A 90 21.64 9.17 -8.57
CA MET A 90 21.67 8.55 -9.91
C MET A 90 20.32 8.60 -10.67
N GLY A 91 19.52 9.62 -10.38
CA GLY A 91 18.20 9.77 -10.99
C GLY A 91 17.17 8.71 -10.58
N ILE A 92 17.40 8.02 -9.47
CA ILE A 92 16.44 7.07 -9.04
C ILE A 92 15.41 7.81 -8.17
N PRO A 93 14.11 7.76 -8.54
CA PRO A 93 13.11 8.41 -7.65
C PRO A 93 13.16 7.88 -6.20
N THR A 94 12.91 8.76 -5.24
CA THR A 94 12.75 8.40 -3.80
C THR A 94 11.77 7.21 -3.60
N VAL A 95 10.67 7.24 -4.34
CA VAL A 95 9.62 6.26 -4.28
C VAL A 95 10.18 4.89 -4.64
N GLU A 96 11.03 4.85 -5.66
CA GLU A 96 11.61 3.62 -6.10
C GLU A 96 12.54 3.07 -4.98
N VAL A 97 13.24 3.94 -4.28
CA VAL A 97 14.07 3.53 -3.12
C VAL A 97 13.25 2.95 -1.98
N ILE A 98 12.13 3.60 -1.67
CA ILE A 98 11.24 3.14 -0.64
C ILE A 98 10.74 1.75 -0.99
N PHE A 99 10.38 1.55 -2.24
CA PHE A 99 9.78 0.28 -2.67
C PHE A 99 10.72 -0.86 -3.07
N THR A 100 12.00 -0.57 -3.19
CA THR A 100 12.97 -1.54 -3.73
C THR A 100 14.18 -1.81 -2.90
N ILE A 101 14.34 -1.10 -1.77
CA ILE A 101 15.47 -1.38 -0.88
C ILE A 101 14.90 -1.75 0.47
N LEU A 102 15.35 -2.89 0.97
CA LEU A 102 14.96 -3.37 2.30
C LEU A 102 15.94 -2.87 3.34
N HIS A 103 15.38 -2.13 4.27
CA HIS A 103 16.13 -1.57 5.40
C HIS A 103 15.82 -2.48 6.61
N VAL A 122 9.96 -0.41 6.50
CA VAL A 122 10.15 -1.67 5.73
C VAL A 122 8.90 -2.16 4.96
N GLY A 123 7.71 -1.67 5.36
CA GLY A 123 6.46 -2.28 4.85
C GLY A 123 6.33 -2.24 3.32
N SER A 124 6.55 -1.08 2.74
CA SER A 124 6.33 -0.87 1.29
C SER A 124 7.19 -1.86 0.48
N SER A 125 8.46 -2.01 0.85
CA SER A 125 9.35 -2.86 0.07
C SER A 125 8.99 -4.32 0.24
N VAL A 126 8.55 -4.74 1.45
CA VAL A 126 8.15 -6.15 1.71
C VAL A 126 6.92 -6.55 0.87
N VAL A 127 5.93 -5.66 0.83
CA VAL A 127 4.73 -5.87 0.00
C VAL A 127 5.08 -5.96 -1.49
N ASN A 128 5.92 -5.03 -1.96
CA ASN A 128 6.41 -5.06 -3.33
C ASN A 128 7.10 -6.38 -3.66
N ALA A 129 8.03 -6.82 -2.80
CA ALA A 129 8.75 -8.11 -2.98
C ALA A 129 7.80 -9.29 -3.14
N LEU A 130 6.72 -9.27 -2.38
CA LEU A 130 5.78 -10.43 -2.34
C LEU A 130 4.56 -10.26 -3.28
N SER A 131 4.68 -9.29 -4.20
CA SER A 131 3.62 -8.98 -5.17
C SER A 131 4.12 -9.39 -6.62
N SER A 132 3.21 -9.97 -7.41
CA SER A 132 3.46 -10.18 -8.84
C SER A 132 3.37 -8.84 -9.61
N TRP A 133 2.64 -7.88 -9.07
CA TRP A 133 2.79 -6.52 -9.51
C TRP A 133 2.30 -5.51 -8.41
N LEU A 134 2.78 -4.28 -8.54
CA LEU A 134 2.44 -3.20 -7.62
C LEU A 134 2.49 -1.86 -8.41
N GLU A 135 1.47 -1.04 -8.20
CA GLU A 135 1.44 0.35 -8.68
C GLU A 135 1.30 1.34 -7.53
N VAL A 136 2.11 2.38 -7.55
CA VAL A 136 1.99 3.49 -6.62
C VAL A 136 1.62 4.73 -7.44
N GLU A 137 0.55 5.38 -7.06
CA GLU A 137 0.13 6.61 -7.69
C GLU A 137 0.09 7.73 -6.64
N ILE A 138 0.81 8.82 -6.92
CA ILE A 138 1.03 9.96 -6.04
C ILE A 138 0.46 11.22 -6.69
N THR A 139 -0.33 11.96 -5.92
CA THR A 139 -0.87 13.25 -6.31
C THR A 139 -0.39 14.30 -5.39
N ARG A 140 0.28 15.30 -5.96
CA ARG A 140 0.67 16.51 -5.21
C ARG A 140 1.22 17.56 -6.16
N ASP A 141 1.10 18.79 -5.74
CA ASP A 141 1.65 19.92 -6.43
C ASP A 141 0.99 20.12 -7.83
N GLY A 142 -0.28 19.69 -7.99
CA GLY A 142 -0.98 19.81 -9.29
C GLY A 142 -0.69 18.69 -10.29
N ALA A 143 0.03 17.68 -9.86
CA ALA A 143 0.48 16.59 -10.73
C ALA A 143 0.11 15.25 -10.15
N VAL A 144 -0.06 14.29 -11.05
CA VAL A 144 -0.32 12.88 -10.68
C VAL A 144 0.82 12.11 -11.27
N TYR A 145 1.49 11.31 -10.43
CA TYR A 145 2.60 10.47 -10.88
C TYR A 145 2.29 9.01 -10.60
N LYS A 146 2.91 8.14 -11.37
CA LYS A 146 2.77 6.71 -11.18
C LYS A 146 4.04 5.96 -11.46
N GLN A 147 4.34 4.99 -10.59
CA GLN A 147 5.36 3.98 -10.89
C GLN A 147 4.76 2.58 -10.78
N ARG A 148 5.15 1.70 -11.70
CA ARG A 148 4.74 0.30 -11.71
C ARG A 148 5.96 -0.67 -11.57
N PHE A 149 5.72 -1.71 -10.75
CA PHE A 149 6.69 -2.77 -10.49
C PHE A 149 6.01 -4.09 -10.83
N GLU A 150 6.80 -5.04 -11.27
CA GLU A 150 6.33 -6.38 -11.55
C GLU A 150 7.32 -7.45 -11.09
N ASN A 151 6.80 -8.65 -10.94
CA ASN A 151 7.56 -9.81 -10.65
C ASN A 151 8.43 -9.65 -9.38
N GLY A 152 7.79 -9.33 -8.27
CA GLY A 152 8.47 -9.22 -7.00
C GLY A 152 9.30 -7.96 -6.94
N GLY A 153 8.76 -6.88 -7.49
CA GLY A 153 9.36 -5.57 -7.19
C GLY A 153 10.34 -4.92 -8.16
N LYS A 154 10.45 -5.47 -9.36
CA LYS A 154 11.30 -4.93 -10.40
C LYS A 154 10.57 -3.79 -11.10
N PRO A 155 11.14 -2.57 -11.08
CA PRO A 155 10.51 -1.45 -11.75
C PRO A 155 10.36 -1.64 -13.24
N VAL A 156 9.16 -1.44 -13.78
CA VAL A 156 8.99 -1.54 -15.25
C VAL A 156 8.78 -0.16 -15.87
N THR A 157 8.65 0.86 -15.00
CA THR A 157 8.62 2.25 -15.44
C THR A 157 9.41 3.02 -14.41
N THR A 158 9.73 4.28 -14.73
CA THR A 158 10.15 5.21 -13.72
C THR A 158 8.92 5.85 -13.02
N LEU A 159 9.17 6.84 -12.15
CA LEU A 159 8.09 7.62 -11.58
C LEU A 159 7.74 8.66 -12.59
N LYS A 160 6.60 8.48 -13.28
CA LYS A 160 6.25 9.38 -14.36
C LYS A 160 4.95 10.13 -14.14
N LYS A 161 4.97 11.36 -14.59
CA LYS A 161 3.81 12.19 -14.50
C LYS A 161 2.80 11.67 -15.51
N ILE A 162 1.62 11.28 -15.05
CA ILE A 162 0.59 10.77 -15.92
C ILE A 162 -0.62 11.75 -16.06
N GLY A 163 -0.66 12.82 -15.27
CA GLY A 163 -1.84 13.67 -15.30
C GLY A 163 -1.67 14.86 -14.39
N THR A 164 -2.75 15.59 -14.25
CA THR A 164 -2.83 16.81 -13.46
C THR A 164 -4.00 16.71 -12.53
N ALA A 165 -3.98 17.53 -11.50
CA ALA A 165 -5.02 17.60 -10.50
C ALA A 165 -5.00 19.00 -9.94
N LEU A 166 -6.06 19.38 -9.23
CA LEU A 166 -6.05 20.64 -8.57
C LEU A 166 -4.88 20.68 -7.58
N LYS A 167 -4.31 21.88 -7.37
CA LYS A 167 -3.24 22.04 -6.37
C LYS A 167 -3.60 21.58 -4.99
N SER A 168 -4.86 21.71 -4.63
CA SER A 168 -5.30 21.31 -3.32
C SER A 168 -5.31 19.79 -3.09
N LYS A 169 -5.20 19.00 -4.17
CA LYS A 169 -5.37 17.56 -4.04
C LYS A 169 -4.03 16.90 -3.71
N THR A 170 -4.05 16.03 -2.72
CA THR A 170 -2.82 15.35 -2.30
C THR A 170 -3.17 13.95 -1.84
N GLY A 171 -2.26 13.02 -2.08
CA GLY A 171 -2.34 11.69 -1.50
C GLY A 171 -1.48 10.63 -2.21
N THR A 172 -1.57 9.40 -1.69
CA THR A 172 -0.87 8.23 -2.19
C THR A 172 -1.89 7.11 -2.37
N LYS A 173 -1.78 6.42 -3.49
CA LYS A 173 -2.59 5.21 -3.76
C LYS A 173 -1.68 4.04 -4.15
N VAL A 174 -1.78 2.93 -3.43
CA VAL A 174 -0.99 1.75 -3.69
C VAL A 174 -1.91 0.63 -4.03
N THR A 175 -1.65 -0.01 -5.16
CA THR A 175 -2.39 -1.19 -5.56
C THR A 175 -1.39 -2.30 -5.84
N PHE A 176 -1.69 -3.54 -5.36
CA PHE A 176 -0.81 -4.65 -5.41
C PHE A 176 -1.57 -5.97 -5.57
N MET A 177 -0.97 -6.84 -6.35
CA MET A 177 -1.46 -8.16 -6.59
C MET A 177 -0.50 -9.10 -5.83
N PRO A 178 -1.02 -9.77 -4.79
CA PRO A 178 -0.14 -10.75 -4.11
C PRO A 178 0.35 -11.93 -5.00
N ASP A 179 1.57 -12.37 -4.77
CA ASP A 179 2.21 -13.32 -5.65
C ASP A 179 1.68 -14.75 -5.34
N ALA A 180 0.94 -15.31 -6.28
CA ALA A 180 0.32 -16.66 -6.13
C ALA A 180 1.39 -17.75 -6.02
N THR A 181 2.59 -17.48 -6.51
CA THR A 181 3.67 -18.46 -6.40
C THR A 181 4.27 -18.48 -4.99
N ILE A 182 3.93 -17.49 -4.16
CA ILE A 182 4.42 -17.43 -2.77
C ILE A 182 3.36 -17.85 -1.74
N PHE A 183 2.15 -17.32 -1.86
CA PHE A 183 1.11 -17.57 -0.89
C PHE A 183 0.23 -18.76 -1.24
N SER A 184 -0.16 -19.50 -0.22
CA SER A 184 -1.03 -20.71 -0.37
C SER A 184 -2.48 -20.32 -0.62
N THR A 185 -2.85 -19.09 -0.23
CA THR A 185 -4.13 -18.47 -0.56
C THR A 185 -3.87 -17.02 -0.97
N THR A 186 -4.58 -16.53 -2.00
CA THR A 186 -4.52 -15.11 -2.40
C THR A 186 -5.93 -14.51 -2.35
N ASP A 187 -6.82 -15.16 -1.62
CA ASP A 187 -8.17 -14.69 -1.44
C ASP A 187 -8.25 -13.77 -0.18
N PHE A 188 -8.25 -12.46 -0.41
CA PHE A 188 -8.51 -11.51 0.67
C PHE A 188 -9.88 -11.75 1.30
N LYS A 189 -9.97 -11.62 2.63
CA LYS A 189 -11.19 -11.89 3.36
C LYS A 189 -11.83 -10.58 3.86
N TYR A 190 -13.00 -10.28 3.34
CA TYR A 190 -13.66 -9.01 3.60
C TYR A 190 -13.88 -8.85 5.11
N ASN A 191 -14.34 -9.92 5.77
CA ASN A 191 -14.64 -9.85 7.22
C ASN A 191 -13.39 -9.61 8.02
N THR A 192 -12.27 -10.21 7.61
CA THR A 192 -11.01 -10.00 8.29
C THR A 192 -10.52 -8.54 8.17
N ILE A 193 -10.61 -8.01 6.97
CA ILE A 193 -10.10 -6.62 6.74
C ILE A 193 -11.04 -5.65 7.45
N SER A 194 -12.32 -5.91 7.32
CA SER A 194 -13.35 -5.10 7.97
C SER A 194 -13.11 -4.94 9.44
N GLU A 195 -12.90 -6.06 10.14
CA GLU A 195 -12.66 -6.01 11.61
C GLU A 195 -11.40 -5.22 11.97
N ARG A 196 -10.34 -5.38 11.17
N ARG A 196 -10.34 -5.37 11.17
CA ARG A 196 -9.08 -4.68 11.40
CA ARG A 196 -9.07 -4.69 11.43
C ARG A 196 -9.21 -3.18 11.16
C ARG A 196 -9.16 -3.19 11.13
N LEU A 197 -9.95 -2.79 10.12
CA LEU A 197 -10.10 -1.36 9.79
C LEU A 197 -10.96 -0.65 10.87
N ASN A 198 -11.97 -1.37 11.35
CA ASN A 198 -12.85 -0.88 12.42
C ASN A 198 -11.98 -0.56 13.67
N GLU A 199 -11.15 -1.54 14.07
CA GLU A 199 -10.18 -1.33 15.16
C GLU A 199 -9.28 -0.16 14.92
N SER A 200 -8.72 -0.05 13.70
CA SER A 200 -7.80 1.00 13.40
C SER A 200 -8.49 2.35 13.49
N ALA A 201 -9.76 2.42 13.04
CA ALA A 201 -10.54 3.63 13.06
C ALA A 201 -10.78 4.05 14.55
N PHE A 202 -11.03 3.07 15.40
CA PHE A 202 -11.27 3.33 16.81
C PHE A 202 -10.00 3.90 17.50
N LEU A 203 -8.84 3.39 17.09
CA LEU A 203 -7.56 3.86 17.66
C LEU A 203 -7.18 5.22 17.07
N LEU A 204 -7.48 5.48 15.81
CA LEU A 204 -7.10 6.79 15.20
C LEU A 204 -7.91 7.99 15.68
N LYS A 205 -9.24 7.83 15.71
CA LYS A 205 -10.17 8.89 15.89
C LYS A 205 -10.18 9.90 14.74
N ASN A 206 -11.37 10.36 14.38
CA ASN A 206 -11.62 11.43 13.45
C ASN A 206 -11.03 11.16 12.08
N VAL A 207 -10.89 9.89 11.73
CA VAL A 207 -10.47 9.51 10.38
C VAL A 207 -11.44 8.43 9.88
N THR A 208 -11.97 8.61 8.66
CA THR A 208 -12.82 7.61 8.04
C THR A 208 -12.02 6.52 7.40
N LEU A 209 -12.31 5.26 7.76
CA LEU A 209 -11.70 4.11 7.08
C LEU A 209 -12.83 3.39 6.34
N SER A 210 -12.67 3.15 5.03
CA SER A 210 -13.74 2.55 4.26
C SER A 210 -13.21 1.28 3.62
N LEU A 211 -14.11 0.33 3.42
CA LEU A 211 -13.80 -0.91 2.76
C LEU A 211 -14.90 -1.16 1.71
N THR A 212 -14.47 -1.41 0.47
CA THR A 212 -15.34 -1.86 -0.63
C THR A 212 -14.82 -3.14 -1.22
N ASP A 213 -15.71 -4.11 -1.44
CA ASP A 213 -15.36 -5.36 -2.08
C ASP A 213 -16.07 -5.41 -3.48
N LYS A 214 -15.28 -5.22 -4.54
CA LYS A 214 -15.78 -5.22 -5.89
C LYS A 214 -16.15 -6.62 -6.37
N ARG A 215 -15.75 -7.67 -5.63
CA ARG A 215 -16.14 -9.07 -5.93
C ARG A 215 -17.60 -9.36 -5.55
N THR A 216 -18.06 -8.75 -4.47
CA THR A 216 -19.40 -8.95 -3.92
C THR A 216 -20.26 -7.66 -3.82
N ASP A 217 -19.71 -6.49 -4.15
CA ASP A 217 -20.32 -5.18 -3.93
C ASP A 217 -20.50 -4.73 -2.47
N GLU A 218 -20.01 -5.54 -1.52
CA GLU A 218 -20.14 -5.17 -0.09
C GLU A 218 -19.32 -3.92 0.20
N ALA A 219 -19.83 -3.08 1.08
CA ALA A 219 -19.16 -1.86 1.48
C ALA A 219 -19.54 -1.45 2.92
N ILE A 220 -18.58 -0.85 3.61
CA ILE A 220 -18.75 -0.37 4.97
C ILE A 220 -17.75 0.81 5.19
N GLU A 221 -18.10 1.70 6.07
CA GLU A 221 -17.27 2.79 6.53
C GLU A 221 -17.27 2.85 8.04
N PHE A 222 -16.09 3.19 8.63
CA PHE A 222 -15.95 3.35 10.07
C PHE A 222 -15.39 4.73 10.37
N HIS A 223 -15.92 5.38 11.42
CA HIS A 223 -15.42 6.71 11.83
C HIS A 223 -15.78 6.91 13.30
N TYR A 224 -14.80 7.19 14.15
CA TYR A 224 -15.09 7.41 15.52
C TYR A 224 -14.65 8.84 15.90
N GLU A 225 -15.60 9.66 16.35
CA GLU A 225 -15.29 11.03 16.81
C GLU A 225 -14.85 10.97 18.25
N ASN A 226 -14.16 12.01 18.69
CA ASN A 226 -13.80 12.14 20.11
C ASN A 226 -13.93 13.60 20.59
C1 1YM B . -1.45 4.08 0.66
C2 1YM B . -0.10 4.06 1.42
O5 1YM B . 2.29 5.33 1.99
N6 1YM B . 1.34 7.35 2.38
C7 1YM B . 2.43 8.11 2.66
C8 1YM B . 3.73 7.60 2.84
C9 1YM B . 4.74 8.55 3.11
C10 1YM B . 4.45 9.94 3.16
C11 1YM B . 3.13 10.36 2.95
C13 1YM B . 5.42 10.99 3.48
C14 1YM B . 6.28 10.82 4.57
C15 1YM B . 7.16 11.90 4.87
C16 1YM B . 7.12 13.06 4.10
C19 1YM B . 8.13 11.82 5.98
C22 1YM B . 6.10 8.07 3.28
N23 1YM B . 7.24 8.66 2.98
C24 1YM B . 8.36 7.97 3.17
C27 1YM B . 9.67 8.66 2.93
N3 1YM B . 0.08 5.48 1.82
C4 1YM B . 1.30 6.02 2.07
N12 1YM B . 2.20 9.43 2.69
N17 1YM B . 6.27 13.23 3.09
C18 1YM B . 5.43 12.22 2.78
O20 1YM B . 8.14 10.94 6.85
O21 1YM B . 9.07 12.77 6.09
C25 1YM B . 8.35 6.67 3.60
S26 1YM B . 6.55 6.41 3.74
F28 1YM B . 9.73 9.41 1.75
F29 1YM B . 9.91 9.54 3.96
F30 1YM B . 10.65 7.68 3.01
#